data_3ZOQ
#
_entry.id   3ZOQ
#
_cell.length_a   53.770
_cell.length_b   66.270
_cell.length_c   102.280
_cell.angle_alpha   90.00
_cell.angle_beta   90.00
_cell.angle_gamma   90.00
#
_symmetry.space_group_name_H-M   'P 21 21 21'
#
loop_
_entity.id
_entity.type
_entity.pdbx_description
1 polymer 'URACIL-DNA GLYCOSYLASE'
2 polymer P56
3 non-polymer GLYCEROL
4 non-polymer 'CHLORIDE ION'
5 water water
#
loop_
_entity_poly.entity_id
_entity_poly.type
_entity_poly.pdbx_seq_one_letter_code
_entity_poly.pdbx_strand_id
1 'polypeptide(L)'
;MKQLLQDSWWNQLKEEFEKPYYQELREMLKREYAEQTIYPDSRDIFNALHYTSYDDVKVVILGQDPYHGPGQAQGLSFSV
KPGVKQPPSLKNIFLELQQDIGCSIPNHGSLVSWAKQGVLLLNTVLTVRRGQANSHKGKGWERLTDRIIDVLSERERPVI
FILWGRHAQMKKERIDTSKHFIIESTHPSPFSARNGFFGSRPFSRANAYLEKMGEAPIDWCIKDL
;
A
2 'polypeptide(L)' MVQNDFVDSYDVTMLLQDDDGKQYYEYHKGLSLSDFEVLYGNTADEIIKLRLDKVL B,C
#
loop_
_chem_comp.id
_chem_comp.type
_chem_comp.name
_chem_comp.formula
CL non-polymer 'CHLORIDE ION' 'Cl -1'
GOL non-polymer GLYCEROL 'C3 H8 O3'
#
# COMPACT_ATOMS: atom_id res chain seq x y z
N GLN A 3 -18.12 16.60 15.58
CA GLN A 3 -17.08 15.61 15.98
C GLN A 3 -17.11 14.37 15.08
N LEU A 4 -16.00 14.12 14.42
CA LEU A 4 -15.90 13.07 13.39
C LEU A 4 -15.22 11.79 13.89
N LEU A 5 -14.54 11.88 15.03
CA LEU A 5 -13.78 10.76 15.58
C LEU A 5 -14.10 10.58 17.04
N GLN A 6 -13.83 9.38 17.57
CA GLN A 6 -13.98 9.09 18.99
CA GLN A 6 -14.03 9.14 18.99
C GLN A 6 -13.08 9.99 19.83
N ASP A 7 -13.44 10.16 21.10
CA ASP A 7 -12.79 11.12 22.01
C ASP A 7 -11.26 11.13 22.04
N SER A 8 -10.66 9.94 22.19
N SER A 8 -10.64 9.95 22.17
CA SER A 8 -9.21 9.80 22.29
CA SER A 8 -9.18 9.92 22.34
C SER A 8 -8.52 10.48 21.11
C SER A 8 -8.43 10.41 21.09
N TRP A 9 -8.99 10.18 19.90
CA TRP A 9 -8.46 10.80 18.70
C TRP A 9 -8.88 12.24 18.53
N TRP A 10 -10.15 12.54 18.82
CA TRP A 10 -10.65 13.91 18.63
C TRP A 10 -9.89 14.89 19.49
N ASN A 11 -9.54 14.48 20.71
N ASN A 11 -9.56 14.47 20.70
CA ASN A 11 -8.76 15.32 21.63
CA ASN A 11 -8.77 15.27 21.62
C ASN A 11 -7.35 15.65 21.13
C ASN A 11 -7.41 15.69 21.06
N GLN A 12 -6.85 14.85 20.19
CA GLN A 12 -5.54 15.09 19.56
C GLN A 12 -5.62 15.81 18.22
N LEU A 13 -6.74 15.66 17.50
CA LEU A 13 -6.84 16.07 16.10
C LEU A 13 -7.88 17.14 15.78
N LYS A 14 -8.69 17.53 16.76
CA LYS A 14 -9.82 18.42 16.48
C LYS A 14 -9.38 19.72 15.80
N GLU A 15 -8.20 20.23 16.18
CA GLU A 15 -7.70 21.49 15.61
C GLU A 15 -7.43 21.37 14.09
N GLU A 16 -7.02 20.19 13.63
CA GLU A 16 -6.79 19.98 12.21
C GLU A 16 -8.07 20.08 11.38
N PHE A 17 -9.15 19.51 11.90
CA PHE A 17 -10.40 19.46 11.17
C PHE A 17 -11.06 20.84 10.99
N GLU A 18 -10.62 21.81 11.80
CA GLU A 18 -11.10 23.18 11.71
C GLU A 18 -10.36 24.03 10.67
N LYS A 19 -9.22 23.54 10.18
CA LYS A 19 -8.34 24.32 9.31
C LYS A 19 -8.86 24.41 7.89
N PRO A 20 -8.53 25.50 7.17
CA PRO A 20 -8.99 25.68 5.79
C PRO A 20 -8.69 24.50 4.87
N TYR A 21 -7.51 23.88 4.99
CA TYR A 21 -7.16 22.79 4.08
C TYR A 21 -8.14 21.62 4.22
N TYR A 22 -8.59 21.35 5.44
CA TYR A 22 -9.53 20.25 5.64
C TYR A 22 -10.90 20.60 5.06
N GLN A 23 -11.34 21.83 5.29
CA GLN A 23 -12.62 22.27 4.73
C GLN A 23 -12.61 22.17 3.21
N GLU A 24 -11.49 22.51 2.59
CA GLU A 24 -11.33 22.43 1.11
C GLU A 24 -11.37 20.99 0.62
N LEU A 25 -10.70 20.11 1.37
CA LEU A 25 -10.70 18.69 1.07
C LEU A 25 -12.12 18.09 1.19
N ARG A 26 -12.79 18.42 2.29
CA ARG A 26 -14.16 17.95 2.51
C ARG A 26 -15.09 18.38 1.37
N GLU A 27 -14.99 19.63 0.95
CA GLU A 27 -15.83 20.11 -0.14
CA GLU A 27 -15.77 20.18 -0.17
C GLU A 27 -15.52 19.41 -1.46
N MET A 28 -14.24 19.16 -1.75
N MET A 28 -14.24 19.16 -1.75
CA MET A 28 -13.85 18.41 -2.94
CA MET A 28 -13.84 18.40 -2.94
C MET A 28 -14.45 17.01 -2.92
C MET A 28 -14.45 17.00 -2.92
N LEU A 29 -14.38 16.36 -1.77
CA LEU A 29 -14.88 15.00 -1.63
C LEU A 29 -16.40 14.91 -1.69
N LYS A 30 -17.11 15.88 -1.11
CA LYS A 30 -18.56 15.89 -1.25
C LYS A 30 -18.96 15.91 -2.74
N ARG A 31 -18.26 16.72 -3.54
N ARG A 31 -18.24 16.72 -3.52
CA ARG A 31 -18.51 16.77 -4.98
CA ARG A 31 -18.44 16.82 -4.96
C ARG A 31 -18.13 15.44 -5.64
C ARG A 31 -18.09 15.51 -5.67
N GLU A 32 -16.91 14.95 -5.38
CA GLU A 32 -16.45 13.75 -6.09
C GLU A 32 -17.26 12.48 -5.75
N TYR A 33 -17.66 12.31 -4.48
CA TYR A 33 -18.52 11.16 -4.15
C TYR A 33 -19.86 11.22 -4.90
N ALA A 34 -20.39 12.42 -5.11
CA ALA A 34 -21.65 12.61 -5.82
C ALA A 34 -21.50 12.43 -7.33
N GLU A 35 -20.33 12.77 -7.87
CA GLU A 35 -20.13 12.87 -9.33
C GLU A 35 -19.40 11.70 -9.97
N GLN A 36 -18.67 10.93 -9.17
CA GLN A 36 -17.93 9.81 -9.71
C GLN A 36 -17.81 8.72 -8.66
N THR A 37 -16.92 7.75 -8.87
CA THR A 37 -16.76 6.65 -7.91
C THR A 37 -15.46 6.83 -7.13
N ILE A 38 -15.60 7.05 -5.82
CA ILE A 38 -14.46 7.25 -4.93
C ILE A 38 -14.41 6.10 -3.93
N TYR A 39 -13.22 5.61 -3.65
CA TYR A 39 -13.01 4.57 -2.64
C TYR A 39 -12.16 5.08 -1.49
N PRO A 40 -12.34 4.54 -0.27
CA PRO A 40 -13.38 3.57 0.10
C PRO A 40 -14.75 4.25 0.15
N ASP A 41 -15.79 3.52 0.50
CA ASP A 41 -17.08 4.18 0.74
C ASP A 41 -16.89 5.32 1.74
N SER A 42 -17.64 6.41 1.59
CA SER A 42 -17.40 7.60 2.41
C SER A 42 -17.53 7.33 3.91
N ARG A 43 -18.44 6.43 4.30
CA ARG A 43 -18.61 6.08 5.72
C ARG A 43 -17.38 5.39 6.30
N ASP A 44 -16.52 4.88 5.44
CA ASP A 44 -15.36 4.07 5.87
C ASP A 44 -14.05 4.84 5.93
N ILE A 45 -14.05 6.11 5.53
CA ILE A 45 -12.81 6.87 5.35
C ILE A 45 -11.89 6.81 6.59
N PHE A 46 -12.48 6.93 7.78
CA PHE A 46 -11.68 6.97 9.01
C PHE A 46 -11.68 5.64 9.78
N ASN A 47 -11.99 4.53 9.11
CA ASN A 47 -12.14 3.25 9.82
C ASN A 47 -10.92 2.81 10.62
N ALA A 48 -9.72 3.15 10.15
CA ALA A 48 -8.54 2.74 10.92
C ALA A 48 -8.57 3.36 12.31
N LEU A 49 -9.01 4.62 12.39
N LEU A 49 -9.01 4.62 12.38
CA LEU A 49 -9.11 5.33 13.68
CA LEU A 49 -9.12 5.36 13.64
C LEU A 49 -10.34 4.92 14.51
C LEU A 49 -10.32 4.91 14.49
N HIS A 50 -11.41 4.51 13.83
CA HIS A 50 -12.60 4.01 14.53
C HIS A 50 -12.31 2.68 15.21
N TYR A 51 -11.61 1.79 14.49
CA TYR A 51 -11.27 0.48 15.05
C TYR A 51 -10.15 0.52 16.09
N THR A 52 -9.26 1.49 15.97
CA THR A 52 -8.06 1.53 16.82
C THR A 52 -7.94 2.94 17.41
N SER A 53 -8.38 3.09 18.65
CA SER A 53 -8.31 4.39 19.35
C SER A 53 -6.85 4.80 19.63
N TYR A 54 -6.63 6.11 19.80
N TYR A 54 -6.64 6.11 19.80
CA TYR A 54 -5.29 6.63 20.08
CA TYR A 54 -5.33 6.67 20.11
C TYR A 54 -4.64 5.94 21.28
C TYR A 54 -4.65 5.98 21.28
N ASP A 55 -5.42 5.76 22.35
CA ASP A 55 -4.92 5.07 23.55
C ASP A 55 -4.61 3.59 23.33
N ASP A 56 -5.35 2.96 22.43
CA ASP A 56 -5.17 1.52 22.16
C ASP A 56 -4.12 1.18 21.12
N VAL A 57 -3.57 2.17 20.41
CA VAL A 57 -2.56 1.86 19.38
C VAL A 57 -1.38 1.12 20.00
N LYS A 58 -1.04 -0.03 19.42
CA LYS A 58 0.15 -0.78 19.79
C LYS A 58 1.18 -0.76 18.65
N VAL A 59 0.69 -0.98 17.42
CA VAL A 59 1.54 -1.08 16.24
C VAL A 59 0.87 -0.22 15.15
N VAL A 60 1.68 0.46 14.33
CA VAL A 60 1.17 1.20 13.18
C VAL A 60 1.76 0.54 11.94
N ILE A 61 0.91 0.18 10.99
CA ILE A 61 1.39 -0.30 9.68
C ILE A 61 0.97 0.71 8.63
N LEU A 62 1.94 1.46 8.13
CA LEU A 62 1.67 2.57 7.21
CA LEU A 62 1.66 2.56 7.21
C LEU A 62 1.52 2.08 5.76
N GLY A 63 0.46 2.53 5.11
CA GLY A 63 0.27 2.32 3.68
C GLY A 63 0.26 3.66 2.97
N GLN A 64 0.01 3.62 1.67
N GLN A 64 -0.02 3.64 1.68
CA GLN A 64 -0.01 4.83 0.86
CA GLN A 64 0.00 4.84 0.88
C GLN A 64 -1.46 5.21 0.59
C GLN A 64 -1.44 5.30 0.54
N ASP A 65 -2.04 4.81 -0.54
CA ASP A 65 -3.43 5.18 -0.78
CA ASP A 65 -3.41 5.16 -0.95
C ASP A 65 -4.34 3.96 -0.83
N PRO A 66 -5.66 4.18 -0.79
CA PRO A 66 -6.57 3.03 -0.79
C PRO A 66 -6.54 2.24 -2.09
N TYR A 67 -6.90 0.96 -2.01
CA TYR A 67 -7.15 0.19 -3.23
C TYR A 67 -8.19 0.90 -4.10
N HIS A 68 -7.98 0.84 -5.41
CA HIS A 68 -8.77 1.65 -6.36
C HIS A 68 -9.80 0.85 -7.13
N GLY A 69 -10.01 -0.41 -6.78
CA GLY A 69 -10.99 -1.25 -7.48
C GLY A 69 -12.25 -1.54 -6.69
N PRO A 70 -13.33 -1.95 -7.37
CA PRO A 70 -14.58 -2.18 -6.64
C PRO A 70 -14.45 -3.26 -5.59
N GLY A 71 -15.05 -3.01 -4.43
CA GLY A 71 -15.16 -4.01 -3.38
C GLY A 71 -13.90 -4.23 -2.56
N GLN A 72 -12.84 -3.43 -2.78
CA GLN A 72 -11.55 -3.68 -2.13
C GLN A 72 -11.35 -2.89 -0.83
N ALA A 73 -11.24 -1.57 -0.93
CA ALA A 73 -10.82 -0.74 0.20
C ALA A 73 -11.86 -0.65 1.32
N GLN A 74 -11.35 -0.70 2.55
CA GLN A 74 -12.17 -0.64 3.77
C GLN A 74 -11.88 0.57 4.63
N GLY A 75 -11.01 1.47 4.17
CA GLY A 75 -10.52 2.54 5.06
C GLY A 75 -9.42 2.01 5.98
N LEU A 76 -8.72 0.97 5.52
CA LEU A 76 -7.58 0.37 6.23
C LEU A 76 -6.43 0.15 5.27
N SER A 77 -5.19 0.39 5.71
CA SER A 77 -4.04 0.01 4.87
C SER A 77 -4.02 -1.51 4.69
N PHE A 78 -3.64 -1.94 3.48
CA PHE A 78 -3.39 -3.35 3.07
C PHE A 78 -4.57 -4.32 3.03
N SER A 79 -5.49 -4.17 3.97
CA SER A 79 -6.65 -5.04 4.12
C SER A 79 -7.61 -4.94 2.93
N VAL A 80 -8.32 -6.04 2.63
CA VAL A 80 -9.45 -5.96 1.68
C VAL A 80 -10.72 -6.50 2.31
N LYS A 81 -11.87 -6.06 1.82
CA LYS A 81 -13.17 -6.63 2.25
C LYS A 81 -13.18 -8.15 2.04
N PRO A 82 -13.86 -8.90 2.93
CA PRO A 82 -13.98 -10.34 2.69
C PRO A 82 -14.71 -10.57 1.38
N GLY A 83 -14.33 -11.61 0.65
CA GLY A 83 -15.05 -11.93 -0.58
C GLY A 83 -14.41 -11.48 -1.87
N VAL A 84 -13.42 -10.58 -1.79
CA VAL A 84 -12.64 -10.25 -2.98
C VAL A 84 -11.27 -10.92 -2.97
N LYS A 85 -10.69 -11.08 -4.16
CA LYS A 85 -9.36 -11.62 -4.33
C LYS A 85 -8.37 -10.76 -3.56
N GLN A 86 -7.38 -11.42 -2.97
CA GLN A 86 -6.28 -10.73 -2.32
C GLN A 86 -5.26 -10.27 -3.36
N PRO A 87 -4.90 -8.98 -3.35
CA PRO A 87 -3.90 -8.55 -4.32
C PRO A 87 -2.48 -9.06 -3.98
N PRO A 88 -1.54 -8.95 -4.93
CA PRO A 88 -0.22 -9.60 -4.75
C PRO A 88 0.57 -9.18 -3.49
N SER A 89 0.59 -7.90 -3.16
CA SER A 89 1.31 -7.47 -1.95
C SER A 89 0.72 -8.09 -0.68
N LEU A 90 -0.62 -8.12 -0.62
CA LEU A 90 -1.30 -8.71 0.53
C LEU A 90 -1.02 -10.22 0.62
N LYS A 91 -1.01 -10.91 -0.53
CA LYS A 91 -0.63 -12.33 -0.52
C LYS A 91 0.77 -12.49 0.07
N ASN A 92 1.68 -11.59 -0.31
CA ASN A 92 3.05 -11.67 0.20
C ASN A 92 3.13 -11.41 1.70
N ILE A 93 2.29 -10.49 2.21
CA ILE A 93 2.17 -10.27 3.64
C ILE A 93 1.79 -11.57 4.35
N PHE A 94 0.77 -12.27 3.83
CA PHE A 94 0.37 -13.56 4.41
C PHE A 94 1.44 -14.65 4.30
N LEU A 95 2.21 -14.66 3.20
CA LEU A 95 3.32 -15.62 3.07
C LEU A 95 4.40 -15.37 4.12
N GLU A 96 4.76 -14.10 4.35
CA GLU A 96 5.74 -13.76 5.39
C GLU A 96 5.20 -14.10 6.77
N LEU A 97 3.91 -13.79 7.01
CA LEU A 97 3.28 -14.10 8.29
C LEU A 97 3.34 -15.60 8.56
N GLN A 98 3.12 -16.40 7.52
CA GLN A 98 3.18 -17.84 7.63
C GLN A 98 4.58 -18.33 8.01
N GLN A 99 5.62 -17.79 7.39
CA GLN A 99 7.00 -18.19 7.70
CA GLN A 99 6.99 -18.19 7.71
C GLN A 99 7.40 -17.72 9.11
N ASP A 100 6.97 -16.51 9.45
CA ASP A 100 7.36 -15.87 10.70
C ASP A 100 6.64 -16.48 11.91
N ILE A 101 5.31 -16.38 11.91
CA ILE A 101 4.47 -16.83 13.02
C ILE A 101 3.99 -18.28 12.87
N GLY A 102 3.70 -18.70 11.65
CA GLY A 102 3.22 -20.04 11.37
C GLY A 102 1.79 -20.08 10.87
N CYS A 103 1.12 -18.93 10.83
CA CYS A 103 -0.30 -18.86 10.49
C CYS A 103 -0.60 -19.44 9.12
N SER A 104 -1.67 -20.21 9.02
CA SER A 104 -2.19 -20.66 7.72
C SER A 104 -2.63 -19.45 6.89
N ILE A 105 -2.70 -19.61 5.57
CA ILE A 105 -3.15 -18.56 4.66
C ILE A 105 -4.69 -18.52 4.72
N PRO A 106 -5.27 -17.34 5.01
CA PRO A 106 -6.73 -17.26 5.19
C PRO A 106 -7.49 -17.23 3.85
N ASN A 107 -8.78 -17.56 3.90
CA ASN A 107 -9.62 -17.57 2.70
C ASN A 107 -10.25 -16.21 2.37
N HIS A 108 -9.72 -15.17 3.00
CA HIS A 108 -10.11 -13.77 2.75
C HIS A 108 -8.95 -12.90 3.18
N GLY A 109 -8.98 -11.64 2.78
CA GLY A 109 -7.90 -10.69 3.10
C GLY A 109 -8.23 -9.57 4.07
N SER A 110 -9.23 -9.75 4.92
CA SER A 110 -9.60 -8.70 5.88
C SER A 110 -8.76 -8.74 7.14
N LEU A 111 -8.17 -7.60 7.49
CA LEU A 111 -7.28 -7.45 8.64
C LEU A 111 -7.95 -6.75 9.82
N VAL A 112 -9.29 -6.73 9.82
CA VAL A 112 -10.05 -6.08 10.91
C VAL A 112 -9.65 -6.64 12.28
N SER A 113 -9.38 -7.95 12.35
N SER A 113 -9.36 -7.94 12.35
CA SER A 113 -8.92 -8.57 13.59
CA SER A 113 -8.94 -8.57 13.61
C SER A 113 -7.70 -7.84 14.17
C SER A 113 -7.62 -8.01 14.18
N TRP A 114 -6.75 -7.49 13.30
CA TRP A 114 -5.55 -6.79 13.72
C TRP A 114 -5.90 -5.44 14.28
N ALA A 115 -6.77 -4.69 13.58
CA ALA A 115 -7.19 -3.36 14.04
C ALA A 115 -7.85 -3.42 15.42
N LYS A 116 -8.67 -4.44 15.64
CA LYS A 116 -9.36 -4.61 16.92
C LYS A 116 -8.41 -4.94 18.08
N GLN A 117 -7.18 -5.33 17.76
CA GLN A 117 -6.15 -5.67 18.75
C GLN A 117 -5.11 -4.56 18.91
N GLY A 118 -5.33 -3.42 18.28
CA GLY A 118 -4.41 -2.29 18.45
C GLY A 118 -3.46 -2.01 17.29
N VAL A 119 -3.68 -2.64 16.13
CA VAL A 119 -2.86 -2.35 14.96
C VAL A 119 -3.54 -1.26 14.12
N LEU A 120 -2.92 -0.08 14.09
CA LEU A 120 -3.47 1.03 13.31
C LEU A 120 -3.06 0.87 11.84
N LEU A 121 -4.05 0.60 11.00
CA LEU A 121 -3.81 0.35 9.58
C LEU A 121 -4.01 1.66 8.83
N LEU A 122 -3.01 2.53 8.95
CA LEU A 122 -3.10 3.92 8.47
C LEU A 122 -2.53 4.08 7.08
N ASN A 123 -3.37 4.46 6.12
CA ASN A 123 -2.87 4.96 4.84
C ASN A 123 -2.53 6.45 4.96
N THR A 124 -1.57 6.94 4.18
CA THR A 124 -1.26 8.37 4.25
C THR A 124 -2.22 9.22 3.42
N VAL A 125 -2.87 8.60 2.43
CA VAL A 125 -3.92 9.25 1.64
C VAL A 125 -5.16 8.38 1.81
N LEU A 126 -6.31 9.01 2.13
CA LEU A 126 -7.48 8.25 2.61
C LEU A 126 -8.60 8.01 1.59
N THR A 127 -8.43 8.55 0.37
CA THR A 127 -9.41 8.34 -0.70
C THR A 127 -8.69 8.21 -2.05
N VAL A 128 -9.39 7.67 -3.04
CA VAL A 128 -8.86 7.51 -4.40
C VAL A 128 -10.02 7.41 -5.39
N ARG A 129 -9.82 7.91 -6.61
CA ARG A 129 -10.80 7.72 -7.69
C ARG A 129 -10.66 6.29 -8.24
N ARG A 130 -11.79 5.63 -8.48
CA ARG A 130 -11.79 4.29 -9.08
C ARG A 130 -10.86 4.20 -10.29
N GLY A 131 -10.01 3.16 -10.28
CA GLY A 131 -9.13 2.84 -11.42
C GLY A 131 -8.01 3.82 -11.70
N GLN A 132 -7.76 4.74 -10.76
CA GLN A 132 -6.78 5.81 -10.99
CA GLN A 132 -6.78 5.80 -10.98
C GLN A 132 -5.87 5.98 -9.77
N ALA A 133 -4.81 5.19 -9.72
CA ALA A 133 -3.95 5.18 -8.56
C ALA A 133 -3.37 6.57 -8.30
N ASN A 134 -3.29 6.93 -7.02
CA ASN A 134 -2.65 8.17 -6.57
C ASN A 134 -3.37 9.45 -7.06
N SER A 135 -4.63 9.29 -7.47
CA SER A 135 -5.42 10.40 -8.00
C SER A 135 -5.80 11.46 -6.95
N HIS A 136 -5.80 11.09 -5.66
CA HIS A 136 -6.02 12.09 -4.60
C HIS A 136 -4.76 12.49 -3.89
N LYS A 137 -3.59 12.20 -4.48
CA LYS A 137 -2.32 12.72 -3.97
C LYS A 137 -2.35 14.25 -3.95
N GLY A 138 -1.85 14.82 -2.85
CA GLY A 138 -1.67 16.27 -2.75
C GLY A 138 -2.95 17.09 -2.61
N LYS A 139 -4.00 16.46 -2.14
CA LYS A 139 -5.30 17.12 -1.99
C LYS A 139 -5.59 17.54 -0.54
N GLY A 140 -4.68 17.19 0.37
CA GLY A 140 -4.85 17.54 1.79
C GLY A 140 -4.70 16.39 2.77
N TRP A 141 -4.86 15.15 2.30
CA TRP A 141 -4.78 14.02 3.22
C TRP A 141 -3.45 13.88 3.90
N GLU A 142 -2.35 14.13 3.16
CA GLU A 142 -0.99 13.96 3.70
C GLU A 142 -0.75 14.93 4.83
N ARG A 143 -1.36 16.11 4.76
CA ARG A 143 -1.25 17.08 5.84
CA ARG A 143 -1.26 17.09 5.85
C ARG A 143 -1.87 16.52 7.12
N LEU A 144 -3.06 15.92 6.99
CA LEU A 144 -3.73 15.34 8.15
C LEU A 144 -3.02 14.11 8.67
N THR A 145 -2.61 13.20 7.77
CA THR A 145 -2.01 11.95 8.24
C THR A 145 -0.59 12.17 8.82
N ASP A 146 0.11 13.20 8.33
CA ASP A 146 1.35 13.63 9.01
C ASP A 146 1.08 14.02 10.46
N ARG A 147 -0.05 14.70 10.70
CA ARG A 147 -0.40 15.13 12.05
C ARG A 147 -0.81 13.93 12.91
N ILE A 148 -1.45 12.92 12.30
CA ILE A 148 -1.75 11.68 13.02
C ILE A 148 -0.46 11.01 13.48
N ILE A 149 0.54 10.97 12.59
CA ILE A 149 1.85 10.44 12.95
C ILE A 149 2.48 11.30 14.07
N ASP A 150 2.39 12.63 13.96
CA ASP A 150 2.93 13.52 14.98
C ASP A 150 2.35 13.22 16.35
N VAL A 151 1.02 13.07 16.43
CA VAL A 151 0.42 12.87 17.77
C VAL A 151 0.77 11.51 18.34
N LEU A 152 0.91 10.50 17.49
CA LEU A 152 1.40 9.20 17.94
C LEU A 152 2.86 9.29 18.43
N SER A 153 3.69 10.04 17.70
CA SER A 153 5.08 10.23 18.12
C SER A 153 5.14 10.94 19.47
N GLU A 154 4.20 11.85 19.72
CA GLU A 154 4.15 12.59 20.98
C GLU A 154 3.61 11.76 22.14
N ARG A 155 3.02 10.59 21.86
CA ARG A 155 2.46 9.77 22.91
C ARG A 155 3.57 9.26 23.83
N GLU A 156 3.32 9.31 25.14
CA GLU A 156 4.26 8.84 26.14
C GLU A 156 4.52 7.33 26.01
N ARG A 157 3.43 6.56 25.96
CA ARG A 157 3.53 5.11 25.85
C ARG A 157 4.03 4.74 24.46
N PRO A 158 5.14 3.97 24.37
CA PRO A 158 5.75 3.69 23.07
C PRO A 158 4.83 3.00 22.06
N VAL A 159 5.06 3.34 20.80
CA VAL A 159 4.36 2.80 19.63
C VAL A 159 5.39 2.07 18.78
N ILE A 160 4.98 0.97 18.14
CA ILE A 160 5.85 0.25 17.21
C ILE A 160 5.39 0.57 15.79
N PHE A 161 6.27 1.18 14.99
CA PHE A 161 5.95 1.55 13.61
C PHE A 161 6.58 0.55 12.65
N ILE A 162 5.76 -0.05 11.79
CA ILE A 162 6.23 -0.97 10.75
C ILE A 162 6.16 -0.19 9.44
N LEU A 163 7.34 0.02 8.83
CA LEU A 163 7.50 0.90 7.68
C LEU A 163 8.04 0.09 6.47
N TRP A 164 7.12 -0.33 5.62
CA TRP A 164 7.45 -1.14 4.45
C TRP A 164 7.60 -0.29 3.24
N GLY A 165 8.80 -0.29 2.65
CA GLY A 165 9.06 0.47 1.42
C GLY A 165 9.55 1.88 1.66
N ARG A 166 9.95 2.54 0.57
CA ARG A 166 10.59 3.85 0.64
C ARG A 166 9.68 4.98 1.11
N HIS A 167 8.45 5.02 0.63
N HIS A 167 8.45 5.03 0.60
CA HIS A 167 7.51 6.08 1.01
CA HIS A 167 7.48 6.05 1.00
C HIS A 167 7.19 6.05 2.49
C HIS A 167 7.31 6.03 2.49
N ALA A 168 6.98 4.86 3.04
CA ALA A 168 6.71 4.74 4.48
C ALA A 168 7.93 5.11 5.31
N GLN A 169 9.11 4.72 4.83
CA GLN A 169 10.35 5.03 5.54
C GLN A 169 10.67 6.53 5.61
N MET A 170 10.13 7.32 4.68
CA MET A 170 10.31 8.76 4.70
CA MET A 170 10.29 8.77 4.70
C MET A 170 9.71 9.38 5.97
N LYS A 171 8.73 8.70 6.58
CA LYS A 171 8.08 9.21 7.80
C LYS A 171 8.91 9.06 9.07
N LYS A 172 10.03 8.36 8.98
CA LYS A 172 10.96 8.21 10.10
C LYS A 172 11.30 9.58 10.72
N GLU A 173 11.45 10.62 9.89
CA GLU A 173 11.80 11.96 10.38
CA GLU A 173 11.83 11.93 10.41
C GLU A 173 10.77 12.54 11.34
N ARG A 174 9.54 12.05 11.27
CA ARG A 174 8.46 12.55 12.14
C ARG A 174 8.37 11.80 13.46
N ILE A 175 9.11 10.69 13.58
CA ILE A 175 8.93 9.76 14.69
C ILE A 175 10.07 9.88 15.70
N ASP A 176 9.71 10.06 16.97
CA ASP A 176 10.71 10.21 18.02
C ASP A 176 11.25 8.84 18.44
N THR A 177 12.40 8.46 17.89
CA THR A 177 12.96 7.14 18.14
C THR A 177 13.66 7.02 19.49
N SER A 178 13.62 8.08 20.30
CA SER A 178 14.06 7.95 21.69
C SER A 178 13.04 7.15 22.52
N LYS A 179 11.80 7.05 22.02
CA LYS A 179 10.71 6.34 22.70
C LYS A 179 10.17 5.19 21.86
N HIS A 180 10.00 5.43 20.56
CA HIS A 180 9.27 4.50 19.70
C HIS A 180 10.17 3.54 18.98
N PHE A 181 9.57 2.45 18.50
CA PHE A 181 10.31 1.40 17.85
C PHE A 181 10.00 1.41 16.36
N ILE A 182 11.02 1.15 15.55
CA ILE A 182 10.87 1.07 14.09
C ILE A 182 11.27 -0.31 13.57
N ILE A 183 10.36 -0.93 12.80
CA ILE A 183 10.66 -2.15 12.05
C ILE A 183 10.49 -1.73 10.60
N GLU A 184 11.56 -1.82 9.82
CA GLU A 184 11.52 -1.39 8.43
C GLU A 184 12.14 -2.42 7.50
N SER A 185 11.62 -2.47 6.28
CA SER A 185 12.13 -3.37 5.26
C SER A 185 11.68 -2.90 3.89
N THR A 186 12.11 -3.62 2.86
CA THR A 186 11.56 -3.38 1.53
C THR A 186 10.06 -3.66 1.51
N HIS A 187 9.41 -3.19 0.47
CA HIS A 187 7.95 -3.32 0.34
C HIS A 187 7.54 -4.73 -0.05
N PRO A 188 6.33 -5.18 0.40
CA PRO A 188 5.87 -6.53 0.00
C PRO A 188 5.42 -6.67 -1.46
N SER A 189 5.40 -5.59 -2.25
CA SER A 189 5.19 -5.73 -3.70
C SER A 189 6.10 -6.81 -4.29
N PRO A 190 5.58 -7.60 -5.26
CA PRO A 190 6.46 -8.60 -5.89
C PRO A 190 7.80 -8.08 -6.43
N PHE A 191 7.89 -6.79 -6.80
CA PHE A 191 9.17 -6.26 -7.26
C PHE A 191 10.23 -6.23 -6.16
N SER A 192 9.82 -6.10 -4.91
CA SER A 192 10.78 -5.91 -3.82
C SER A 192 10.72 -6.91 -2.66
N ALA A 193 9.70 -7.77 -2.62
CA ALA A 193 9.53 -8.66 -1.46
C ALA A 193 10.74 -9.57 -1.20
N ARG A 194 11.36 -10.06 -2.27
N ARG A 194 11.36 -10.05 -2.27
CA ARG A 194 12.49 -10.98 -2.12
CA ARG A 194 12.50 -10.96 -2.17
C ARG A 194 13.82 -10.24 -1.96
C ARG A 194 13.81 -10.25 -1.83
N ASN A 195 13.74 -8.93 -1.71
CA ASN A 195 14.93 -8.11 -1.45
C ASN A 195 15.06 -7.61 -0.01
N GLY A 196 14.29 -8.20 0.89
CA GLY A 196 14.42 -7.89 2.32
C GLY A 196 13.16 -8.17 3.13
N PHE A 197 12.00 -7.87 2.54
CA PHE A 197 10.73 -8.10 3.23
C PHE A 197 10.60 -9.57 3.66
N PHE A 198 10.78 -10.49 2.73
CA PHE A 198 10.76 -11.91 3.09
C PHE A 198 11.94 -12.22 4.02
N GLY A 199 11.63 -12.82 5.16
CA GLY A 199 12.65 -13.11 6.18
C GLY A 199 12.82 -12.02 7.23
N SER A 200 12.15 -10.88 7.06
CA SER A 200 12.30 -9.78 8.01
C SER A 200 11.62 -10.03 9.37
N ARG A 201 10.68 -10.97 9.41
N ARG A 201 10.67 -10.96 9.41
CA ARG A 201 9.95 -11.34 10.65
CA ARG A 201 9.96 -11.34 10.64
C ARG A 201 9.36 -10.15 11.42
C ARG A 201 9.36 -10.15 11.42
N PRO A 202 8.58 -9.29 10.74
CA PRO A 202 8.09 -8.09 11.43
C PRO A 202 7.07 -8.37 12.54
N PHE A 203 6.34 -9.47 12.41
CA PHE A 203 5.24 -9.80 13.32
C PHE A 203 5.73 -10.31 14.66
N SER A 204 6.66 -11.25 14.64
CA SER A 204 7.29 -11.71 15.88
C SER A 204 8.13 -10.61 16.52
N ARG A 205 8.81 -9.81 15.69
CA ARG A 205 9.60 -8.68 16.20
C ARG A 205 8.72 -7.67 16.93
N ALA A 206 7.56 -7.36 16.33
CA ALA A 206 6.62 -6.46 16.99
C ALA A 206 6.17 -7.03 18.34
N ASN A 207 5.82 -8.30 18.36
CA ASN A 207 5.40 -8.94 19.61
C ASN A 207 6.48 -8.96 20.68
N ALA A 208 7.74 -9.10 20.26
CA ALA A 208 8.87 -9.07 21.20
C ALA A 208 9.03 -7.70 21.83
N TYR A 209 8.81 -6.63 21.05
CA TYR A 209 8.84 -5.28 21.63
C TYR A 209 7.70 -5.08 22.62
N LEU A 210 6.51 -5.57 22.26
CA LEU A 210 5.36 -5.49 23.17
C LEU A 210 5.60 -6.21 24.49
N GLU A 211 6.10 -7.45 24.40
CA GLU A 211 6.37 -8.22 25.62
C GLU A 211 7.40 -7.55 26.53
N LYS A 212 8.42 -6.91 25.96
CA LYS A 212 9.42 -6.18 26.74
C LYS A 212 8.77 -5.06 27.56
N MET A 213 7.69 -4.51 27.03
CA MET A 213 6.96 -3.42 27.68
C MET A 213 5.83 -3.87 28.59
N GLY A 214 5.66 -5.18 28.72
CA GLY A 214 4.62 -5.75 29.57
C GLY A 214 3.23 -5.67 28.93
N GLU A 215 3.20 -5.56 27.61
CA GLU A 215 1.96 -5.51 26.86
C GLU A 215 1.64 -6.86 26.24
N ALA A 216 0.36 -7.16 26.08
CA ALA A 216 -0.08 -8.39 25.44
C ALA A 216 0.28 -8.38 23.95
N PRO A 217 0.82 -9.50 23.43
CA PRO A 217 1.16 -9.58 22.00
C PRO A 217 -0.10 -9.63 21.13
N ILE A 218 0.09 -9.35 19.85
CA ILE A 218 -0.96 -9.47 18.85
C ILE A 218 -1.08 -10.94 18.45
N ASP A 219 -2.32 -11.43 18.35
CA ASP A 219 -2.61 -12.71 17.70
C ASP A 219 -2.77 -12.37 16.23
N TRP A 220 -1.72 -12.63 15.46
CA TRP A 220 -1.69 -12.21 14.05
C TRP A 220 -2.46 -13.11 13.13
N CYS A 221 -2.75 -14.33 13.53
CA CYS A 221 -3.34 -15.27 12.56
C CYS A 221 -4.78 -14.90 12.22
N ILE A 222 -5.07 -14.87 10.93
CA ILE A 222 -6.39 -14.49 10.43
C ILE A 222 -7.22 -15.76 10.22
N LYS A 223 -8.42 -15.79 10.78
N LYS A 223 -8.43 -15.76 10.78
CA LYS A 223 -9.31 -16.95 10.75
CA LYS A 223 -9.36 -16.88 10.73
C LYS A 223 -10.29 -16.92 9.57
C LYS A 223 -10.20 -16.88 9.46
N ASP A 224 -10.48 -18.07 8.94
CA ASP A 224 -11.29 -18.23 7.72
C ASP A 224 -12.73 -17.81 7.98
N LEU A 225 -13.38 -17.25 6.96
CA LEU A 225 -14.78 -16.86 7.07
C LEU A 225 -15.67 -17.84 6.32
N ASP B 8 10.99 10.97 -14.04
CA ASP B 8 10.46 11.04 -12.65
C ASP B 8 8.96 10.73 -12.56
N SER B 9 8.23 10.95 -13.66
CA SER B 9 6.79 10.67 -13.73
C SER B 9 6.46 9.76 -14.90
N TYR B 10 5.54 8.82 -14.67
CA TYR B 10 5.18 7.77 -15.62
C TYR B 10 3.68 7.59 -15.75
N ASP B 11 3.23 7.24 -16.95
CA ASP B 11 1.89 6.74 -17.15
C ASP B 11 1.96 5.22 -17.21
N VAL B 12 0.96 4.58 -16.59
CA VAL B 12 0.92 3.11 -16.53
C VAL B 12 -0.37 2.62 -17.13
N THR B 13 -0.26 1.77 -18.14
CA THR B 13 -1.43 1.18 -18.78
C THR B 13 -1.37 -0.33 -18.59
N MET B 14 -2.48 -0.92 -18.17
CA MET B 14 -2.54 -2.37 -18.06
C MET B 14 -3.77 -2.94 -18.74
N LEU B 15 -3.58 -4.05 -19.45
CA LEU B 15 -4.68 -4.89 -19.90
C LEU B 15 -4.79 -6.04 -18.91
N LEU B 16 -5.95 -6.14 -18.27
N LEU B 16 -5.93 -6.10 -18.22
CA LEU B 16 -6.19 -7.10 -17.19
CA LEU B 16 -6.17 -7.13 -17.21
C LEU B 16 -7.31 -8.05 -17.61
C LEU B 16 -7.18 -8.14 -17.73
N GLN B 17 -7.35 -9.22 -16.99
CA GLN B 17 -8.40 -10.19 -17.28
C GLN B 17 -9.03 -10.62 -15.97
N ASP B 18 -10.35 -10.48 -15.89
CA ASP B 18 -11.06 -10.83 -14.66
C ASP B 18 -11.35 -12.33 -14.60
N ASP B 19 -11.93 -12.79 -13.48
CA ASP B 19 -12.20 -14.22 -13.29
C ASP B 19 -13.16 -14.82 -14.32
N ASP B 20 -14.00 -13.97 -14.93
CA ASP B 20 -14.97 -14.41 -15.95
C ASP B 20 -14.39 -14.42 -17.38
N GLY B 21 -13.16 -13.93 -17.52
CA GLY B 21 -12.44 -13.96 -18.79
C GLY B 21 -12.51 -12.67 -19.57
N LYS B 22 -13.15 -11.65 -18.99
CA LYS B 22 -13.28 -10.35 -19.63
C LYS B 22 -11.98 -9.58 -19.52
N GLN B 23 -11.50 -9.07 -20.64
CA GLN B 23 -10.26 -8.26 -20.67
C GLN B 23 -10.59 -6.80 -20.76
N TYR B 24 -9.86 -5.99 -20.02
CA TYR B 24 -10.15 -4.58 -19.91
C TYR B 24 -8.89 -3.80 -19.60
N TYR B 25 -8.77 -2.60 -20.17
CA TYR B 25 -7.64 -1.70 -19.88
C TYR B 25 -7.90 -0.78 -18.66
N GLU B 26 -6.86 -0.55 -17.85
CA GLU B 26 -6.82 0.48 -16.80
C GLU B 26 -5.73 1.49 -17.19
N TYR B 27 -5.98 2.76 -16.88
CA TYR B 27 -5.04 3.84 -17.26
C TYR B 27 -4.70 4.66 -16.02
N HIS B 28 -3.46 4.59 -15.58
CA HIS B 28 -3.01 5.38 -14.43
C HIS B 28 -2.05 6.42 -14.91
N LYS B 29 -2.13 7.62 -14.36
CA LYS B 29 -1.35 8.73 -14.88
C LYS B 29 -0.55 9.43 -13.80
N GLY B 30 0.69 9.79 -14.14
CA GLY B 30 1.52 10.66 -13.30
C GLY B 30 2.06 10.00 -12.04
N LEU B 31 2.48 8.75 -12.18
CA LEU B 31 3.03 7.97 -11.09
C LEU B 31 4.55 8.03 -11.07
N SER B 32 5.14 8.07 -9.88
CA SER B 32 6.56 7.81 -9.75
C SER B 32 6.81 6.32 -9.93
N LEU B 33 8.08 5.94 -10.12
CA LEU B 33 8.39 4.51 -10.18
C LEU B 33 7.99 3.79 -8.89
N SER B 34 8.21 4.45 -7.74
N SER B 34 8.21 4.44 -7.74
CA SER B 34 7.78 3.93 -6.45
CA SER B 34 7.78 3.86 -6.47
C SER B 34 6.28 3.65 -6.41
C SER B 34 6.28 3.63 -6.46
N ASP B 35 5.50 4.61 -6.91
CA ASP B 35 4.03 4.46 -7.01
C ASP B 35 3.68 3.30 -7.92
N PHE B 36 4.41 3.17 -9.04
CA PHE B 36 4.17 2.09 -9.98
C PHE B 36 4.40 0.72 -9.30
N GLU B 37 5.48 0.59 -8.55
CA GLU B 37 5.81 -0.67 -7.88
C GLU B 37 4.70 -1.05 -6.88
N VAL B 38 4.19 -0.06 -6.17
CA VAL B 38 3.07 -0.29 -5.26
C VAL B 38 1.80 -0.67 -6.03
N LEU B 39 1.52 0.05 -7.13
CA LEU B 39 0.35 -0.24 -7.98
C LEU B 39 0.36 -1.69 -8.48
N TYR B 40 1.53 -2.14 -8.92
CA TYR B 40 1.68 -3.51 -9.42
C TYR B 40 1.27 -4.52 -8.33
N GLY B 41 1.74 -4.27 -7.11
CA GLY B 41 1.34 -5.12 -5.95
C GLY B 41 -0.12 -4.98 -5.52
N ASN B 42 -0.80 -3.94 -6.02
CA ASN B 42 -2.22 -3.71 -5.71
C ASN B 42 -3.14 -4.10 -6.86
N THR B 43 -2.60 -4.81 -7.84
CA THR B 43 -3.37 -5.24 -9.03
C THR B 43 -3.79 -6.69 -8.86
N ALA B 44 -5.07 -6.93 -8.59
CA ALA B 44 -5.53 -8.28 -8.22
C ALA B 44 -5.83 -9.21 -9.39
N ASP B 45 -6.29 -8.68 -10.51
CA ASP B 45 -6.59 -9.52 -11.67
C ASP B 45 -5.35 -9.84 -12.48
N GLU B 46 -5.43 -10.92 -13.24
CA GLU B 46 -4.34 -11.35 -14.12
C GLU B 46 -3.87 -10.25 -15.08
N ILE B 47 -2.57 -10.01 -15.11
CA ILE B 47 -1.98 -9.02 -16.03
C ILE B 47 -1.71 -9.66 -17.39
N ILE B 48 -2.38 -9.15 -18.42
CA ILE B 48 -2.17 -9.60 -19.79
C ILE B 48 -1.11 -8.74 -20.50
N LYS B 49 -1.24 -7.42 -20.38
CA LYS B 49 -0.22 -6.50 -20.90
C LYS B 49 0.02 -5.40 -19.88
N LEU B 50 1.24 -4.90 -19.84
CA LEU B 50 1.58 -3.77 -19.00
C LEU B 50 2.48 -2.83 -19.79
N ARG B 51 2.21 -1.53 -19.69
CA ARG B 51 3.01 -0.52 -20.37
C ARG B 51 3.37 0.57 -19.38
N LEU B 52 4.65 0.94 -19.35
N LEU B 52 4.65 0.96 -19.38
CA LEU B 52 5.14 2.03 -18.53
CA LEU B 52 5.16 2.01 -18.51
C LEU B 52 5.76 2.99 -19.53
C LEU B 52 5.86 3.02 -19.42
N ASP B 53 5.38 4.26 -19.43
CA ASP B 53 5.90 5.30 -20.33
C ASP B 53 6.27 6.53 -19.53
N LYS B 54 7.53 6.93 -19.62
CA LYS B 54 7.97 8.17 -18.98
C LYS B 54 7.27 9.36 -19.62
N VAL B 55 6.78 10.26 -18.77
CA VAL B 55 6.08 11.45 -19.23
C VAL B 55 7.07 12.53 -19.67
N ASN C 4 6.48 -25.69 -20.23
CA ASN C 4 5.48 -26.20 -19.23
C ASN C 4 4.05 -25.90 -19.67
N ASP C 5 3.23 -26.94 -19.77
CA ASP C 5 1.83 -26.81 -20.20
C ASP C 5 0.93 -26.13 -19.16
N PHE C 6 1.45 -25.97 -17.94
CA PHE C 6 0.68 -25.31 -16.88
C PHE C 6 1.14 -23.90 -16.55
N VAL C 7 2.09 -23.37 -17.30
CA VAL C 7 2.63 -22.03 -17.04
C VAL C 7 2.64 -21.18 -18.31
N ASP C 8 2.44 -19.88 -18.13
CA ASP C 8 2.54 -18.92 -19.22
C ASP C 8 3.88 -18.20 -19.24
N SER C 9 4.26 -17.69 -20.42
CA SER C 9 5.46 -16.90 -20.57
C SER C 9 5.12 -15.50 -21.06
N TYR C 10 6.09 -14.60 -20.94
N TYR C 10 6.07 -14.59 -20.91
CA TYR C 10 5.94 -13.20 -21.28
CA TYR C 10 5.91 -13.20 -21.26
C TYR C 10 7.13 -12.71 -22.07
C TYR C 10 7.12 -12.70 -22.06
N ASP C 11 6.88 -11.75 -22.96
CA ASP C 11 7.95 -11.03 -23.62
C ASP C 11 8.05 -9.64 -22.98
N VAL C 12 9.27 -9.15 -22.86
CA VAL C 12 9.53 -7.82 -22.27
C VAL C 12 10.40 -7.01 -23.22
N THR C 13 9.94 -5.81 -23.54
CA THR C 13 10.75 -4.85 -24.29
C THR C 13 10.95 -3.61 -23.43
N MET C 14 12.18 -3.11 -23.38
CA MET C 14 12.43 -1.85 -22.71
C MET C 14 13.23 -0.92 -23.60
N LEU C 15 12.81 0.36 -23.61
CA LEU C 15 13.64 1.43 -24.13
C LEU C 15 14.33 2.05 -22.93
N LEU C 16 15.65 1.95 -22.88
CA LEU C 16 16.43 2.41 -21.74
C LEU C 16 17.31 3.61 -22.12
N GLN C 17 17.66 4.42 -21.13
CA GLN C 17 18.58 5.54 -21.36
C GLN C 17 19.78 5.40 -20.43
N ASP C 18 20.99 5.41 -20.98
CA ASP C 18 22.19 5.32 -20.15
C ASP C 18 22.51 6.67 -19.50
N ASP C 19 23.46 6.67 -18.57
CA ASP C 19 23.82 7.87 -17.78
C ASP C 19 24.27 9.04 -18.65
N ASP C 20 24.74 8.73 -19.85
CA ASP C 20 25.24 9.75 -20.78
CA ASP C 20 25.24 9.71 -20.81
C ASP C 20 24.15 10.20 -21.78
N GLY C 21 22.97 9.60 -21.69
CA GLY C 21 21.81 10.03 -22.49
C GLY C 21 21.44 9.21 -23.73
N LYS C 22 22.22 8.19 -24.04
CA LYS C 22 21.94 7.34 -25.20
C LYS C 22 20.78 6.40 -24.90
N GLN C 23 19.78 6.38 -25.78
CA GLN C 23 18.64 5.47 -25.66
C GLN C 23 18.84 4.22 -26.52
N TYR C 24 18.50 3.06 -25.96
CA TYR C 24 18.69 1.78 -26.62
C TYR C 24 17.59 0.79 -26.19
N TYR C 25 17.23 -0.11 -27.09
CA TYR C 25 16.27 -1.16 -26.79
C TYR C 25 16.92 -2.43 -26.23
N GLU C 26 16.20 -3.05 -25.29
CA GLU C 26 16.54 -4.37 -24.75
CA GLU C 26 16.55 -4.37 -24.76
C GLU C 26 15.34 -5.29 -24.94
N TYR C 27 15.59 -6.48 -25.46
CA TYR C 27 14.53 -7.46 -25.72
C TYR C 27 14.75 -8.72 -24.90
N HIS C 28 13.71 -9.13 -24.20
CA HIS C 28 13.72 -10.36 -23.41
C HIS C 28 12.53 -11.21 -23.81
N LYS C 29 12.77 -12.50 -24.03
N LYS C 29 12.77 -12.50 -24.03
CA LYS C 29 11.73 -13.42 -24.49
CA LYS C 29 11.73 -13.43 -24.48
C LYS C 29 11.60 -14.62 -23.56
C LYS C 29 11.59 -14.61 -23.53
N GLY C 30 10.37 -15.10 -23.38
CA GLY C 30 10.12 -16.35 -22.66
C GLY C 30 10.33 -16.31 -21.16
N LEU C 31 10.00 -15.18 -20.55
CA LEU C 31 10.15 -14.99 -19.12
C LEU C 31 8.91 -15.44 -18.36
N SER C 32 9.09 -15.96 -17.15
CA SER C 32 7.97 -16.10 -16.24
C SER C 32 7.67 -14.73 -15.65
N LEU C 33 6.55 -14.62 -14.97
CA LEU C 33 6.21 -13.37 -14.30
C LEU C 33 7.28 -13.03 -13.24
N SER C 34 7.71 -14.03 -12.48
N SER C 34 7.71 -14.03 -12.48
CA SER C 34 8.76 -13.86 -11.49
CA SER C 34 8.76 -13.84 -11.48
C SER C 34 10.07 -13.37 -12.14
C SER C 34 10.06 -13.36 -12.13
N ASP C 35 10.41 -13.94 -13.29
CA ASP C 35 11.60 -13.50 -14.05
C ASP C 35 11.51 -12.03 -14.44
N PHE C 36 10.31 -11.60 -14.87
CA PHE C 36 10.09 -10.20 -15.21
C PHE C 36 10.36 -9.29 -13.99
N GLU C 37 9.86 -9.69 -12.83
CA GLU C 37 10.00 -8.91 -11.60
C GLU C 37 11.48 -8.79 -11.22
N VAL C 38 12.22 -9.89 -11.34
CA VAL C 38 13.66 -9.87 -11.07
C VAL C 38 14.40 -8.98 -12.08
N LEU C 39 14.02 -9.09 -13.34
CA LEU C 39 14.63 -8.27 -14.40
C LEU C 39 14.42 -6.79 -14.13
N TYR C 40 13.19 -6.41 -13.77
CA TYR C 40 12.89 -5.02 -13.43
C TYR C 40 13.85 -4.48 -12.35
N GLY C 41 14.00 -5.26 -11.27
CA GLY C 41 14.94 -4.92 -10.19
C GLY C 41 16.41 -4.83 -10.56
N ASN C 42 16.79 -5.55 -11.61
CA ASN C 42 18.18 -5.60 -12.07
C ASN C 42 18.49 -4.58 -13.17
N THR C 43 17.48 -3.82 -13.57
CA THR C 43 17.66 -2.80 -14.60
C THR C 43 18.09 -1.48 -13.97
N ALA C 44 19.37 -1.14 -14.16
CA ALA C 44 19.98 0.05 -13.56
C ALA C 44 19.77 1.34 -14.37
N ASP C 45 19.80 1.22 -15.69
CA ASP C 45 19.60 2.37 -16.57
C ASP C 45 18.16 2.89 -16.51
N GLU C 46 17.96 4.15 -16.90
CA GLU C 46 16.67 4.80 -16.77
C GLU C 46 15.64 4.22 -17.74
N ILE C 47 14.46 3.86 -17.24
CA ILE C 47 13.39 3.34 -18.09
C ILE C 47 12.66 4.49 -18.81
N ILE C 48 12.69 4.47 -20.14
CA ILE C 48 11.90 5.40 -20.94
C ILE C 48 10.58 4.73 -21.33
N LYS C 49 10.66 3.49 -21.83
CA LYS C 49 9.48 2.67 -22.10
C LYS C 49 9.70 1.26 -21.57
N LEU C 50 8.64 0.64 -21.05
CA LEU C 50 8.67 -0.77 -20.70
C LEU C 50 7.36 -1.38 -21.18
N ARG C 51 7.47 -2.54 -21.82
CA ARG C 51 6.30 -3.30 -22.28
C ARG C 51 6.43 -4.75 -21.83
N LEU C 52 5.37 -5.25 -21.23
CA LEU C 52 5.23 -6.65 -20.83
C LEU C 52 4.03 -7.19 -21.58
N ASP C 53 4.22 -8.30 -22.30
CA ASP C 53 3.13 -8.93 -23.07
C ASP C 53 3.06 -10.42 -22.79
N LYS C 54 1.91 -10.90 -22.29
CA LYS C 54 1.68 -12.34 -22.15
C LYS C 54 1.65 -13.00 -23.52
N VAL C 55 2.33 -14.13 -23.64
CA VAL C 55 2.35 -14.89 -24.90
C VAL C 55 1.22 -15.92 -24.90
N LEU C 56 0.33 -15.86 -25.89
CA LEU C 56 -0.73 -16.84 -26.03
C LEU C 56 -0.22 -18.20 -26.48
C1 GOL D . 7.71 0.51 -3.65
O1 GOL D . 8.76 -0.36 -4.11
C2 GOL D . 8.30 1.57 -2.72
O2 GOL D . 9.25 0.98 -1.84
C3 GOL D . 7.21 2.22 -1.89
O3 GOL D . 7.71 3.51 -1.57
CL CL E . 11.16 -1.21 -1.28
#